data_1SG3
#
_entry.id   1SG3
#
_cell.length_a   104.987
_cell.length_b   104.987
_cell.length_c   118.146
_cell.angle_alpha   90.00
_cell.angle_beta   90.00
_cell.angle_gamma   120.00
#
_symmetry.space_group_name_H-M   'P 63'
#
loop_
_entity.id
_entity.type
_entity.pdbx_description
1 polymer Allantoicase
2 water water
#
_entity_poly.entity_id   1
_entity_poly.type   'polypeptide(L)'
_entity_poly.pdbx_seq_one_letter_code
;MKFFSLADEAEFKSIIISKNKAVDVIGSKLGGQVVSFSDEWFASAENLIQPTAPIRDPTRFVHSGAWYDGWETRRHNEME
YDWVIIKMGVAAAHIIGGEIDTAFFNGNHAPFVSIEALYDEGEEGNIVEDDSRWVEIVEKFECGPSQRHLFVRGNGLTKE
RFTHIKLKMYPDGGIARFRLYGRVVPPELKTKDHIIDLAYVCNGAVALKYSDQHFGSVDNLLLPGRGHDMSDGWETKRSR
QPGHTDWAVIQLGRESSFIEKIIVDTAHFRGNFPQFITVEGCLKESESSENTGEGTWVELVGKSKTGPDKEHVYEIRKSI
RVSHVKLTIIPDGGVKRIRVWGYHHHHHH
;
_entity_poly.pdbx_strand_id   A,B
#
# COMPACT_ATOMS: atom_id res chain seq x y z
N MET A 1 -17.42 -3.14 26.81
CA MET A 1 -16.25 -2.34 26.36
C MET A 1 -15.58 -1.73 27.57
N LYS A 2 -14.47 -2.31 28.02
CA LYS A 2 -13.77 -1.77 29.17
C LYS A 2 -12.74 -0.76 28.68
N PHE A 3 -12.59 0.33 29.41
CA PHE A 3 -11.62 1.36 29.04
C PHE A 3 -10.39 1.26 29.92
N PHE A 4 -9.32 1.87 29.45
CA PHE A 4 -8.08 1.89 30.19
C PHE A 4 -7.52 3.29 30.18
N SER A 5 -6.82 3.62 31.25
CA SER A 5 -6.20 4.93 31.40
C SER A 5 -4.70 4.81 31.18
N LEU A 6 -4.06 5.93 30.83
CA LEU A 6 -2.62 5.93 30.60
C LEU A 6 -1.93 5.24 31.76
N ALA A 7 -2.55 5.33 32.94
CA ALA A 7 -2.02 4.72 34.14
C ALA A 7 -1.88 3.20 34.01
N ASP A 8 -2.82 2.59 33.28
CA ASP A 8 -2.81 1.14 33.09
C ASP A 8 -2.56 0.70 31.66
N GLU A 9 -1.84 1.52 30.89
CA GLU A 9 -1.59 1.14 29.51
C GLU A 9 -0.90 -0.22 29.52
N ALA A 10 -0.09 -0.47 30.55
CA ALA A 10 0.63 -1.74 30.69
C ALA A 10 -0.34 -2.92 30.66
N GLU A 11 -1.44 -2.82 31.42
CA GLU A 11 -2.42 -3.89 31.44
C GLU A 11 -3.13 -4.00 30.10
N PHE A 12 -3.45 -2.85 29.52
CA PHE A 12 -4.12 -2.82 28.23
C PHE A 12 -3.31 -3.55 27.18
N LYS A 13 -2.00 -3.27 27.14
CA LYS A 13 -1.13 -3.92 26.17
C LYS A 13 -1.08 -5.42 26.40
N SER A 14 -1.28 -5.80 27.65
CA SER A 14 -1.28 -7.21 28.04
C SER A 14 -2.49 -7.93 27.50
N ILE A 15 -3.65 -7.29 27.62
CA ILE A 15 -4.89 -7.88 27.15
C ILE A 15 -4.85 -7.99 25.63
N ILE A 16 -4.27 -6.97 25.01
CA ILE A 16 -4.18 -6.88 23.56
C ILE A 16 -3.06 -7.71 22.93
N ILE A 17 -1.82 -7.44 23.34
CA ILE A 17 -0.68 -8.15 22.77
C ILE A 17 -0.42 -9.56 23.30
N SER A 18 -0.04 -9.69 24.57
CA SER A 18 0.26 -10.99 25.13
C SER A 18 -0.91 -11.99 25.16
N LYS A 19 -2.07 -11.59 25.65
CA LYS A 19 -3.21 -12.52 25.69
C LYS A 19 -3.92 -12.77 24.38
N ASN A 20 -3.97 -11.78 23.49
CA ASN A 20 -4.67 -11.97 22.21
C ASN A 20 -3.82 -11.90 20.94
N LYS A 21 -2.49 -11.83 21.08
CA LYS A 21 -1.57 -11.77 19.93
C LYS A 21 -2.15 -10.91 18.81
N ALA A 22 -2.49 -9.67 19.11
CA ALA A 22 -3.06 -8.78 18.09
C ALA A 22 -2.13 -7.64 17.71
N VAL A 23 -2.45 -6.99 16.59
CA VAL A 23 -1.66 -5.87 16.07
C VAL A 23 -2.56 -4.78 15.48
N ASP A 24 -1.99 -3.60 15.29
CA ASP A 24 -2.75 -2.50 14.71
C ASP A 24 -2.91 -2.77 13.22
N VAL A 25 -3.90 -3.58 12.88
CA VAL A 25 -4.15 -4.00 11.50
C VAL A 25 -4.63 -2.99 10.46
N ILE A 26 -4.84 -1.74 10.85
CA ILE A 26 -5.26 -0.76 9.86
C ILE A 26 -4.15 0.26 9.66
N GLY A 27 -3.04 0.07 10.39
CA GLY A 27 -1.92 0.99 10.29
C GLY A 27 -1.34 1.05 8.89
N SER A 28 -0.96 2.25 8.47
CA SER A 28 -0.38 2.40 7.15
C SER A 28 0.95 1.65 7.06
N LYS A 29 1.70 1.64 8.17
CA LYS A 29 3.01 0.99 8.24
C LYS A 29 2.96 -0.48 7.78
N LEU A 30 1.79 -1.08 7.93
CA LEU A 30 1.58 -2.47 7.59
C LEU A 30 0.70 -2.66 6.35
N GLY A 31 0.16 -1.57 5.80
CA GLY A 31 -0.64 -1.69 4.60
C GLY A 31 -2.03 -1.07 4.64
N GLY A 32 -2.44 -0.58 5.80
CA GLY A 32 -3.75 0.03 5.94
C GLY A 32 -3.99 1.17 4.97
N GLN A 33 -5.19 1.23 4.39
CA GLN A 33 -5.51 2.27 3.45
C GLN A 33 -6.87 2.89 3.72
N VAL A 34 -7.01 4.14 3.31
CA VAL A 34 -8.27 4.85 3.46
C VAL A 34 -9.04 4.61 2.16
N VAL A 35 -10.19 3.96 2.24
CA VAL A 35 -10.99 3.66 1.04
C VAL A 35 -11.87 4.85 0.65
N SER A 36 -12.52 5.43 1.66
CA SER A 36 -13.40 6.56 1.43
C SER A 36 -13.66 7.29 2.73
N PHE A 37 -14.53 8.31 2.66
CA PHE A 37 -14.87 9.10 3.83
C PHE A 37 -15.95 10.10 3.46
N SER A 38 -16.61 10.66 4.47
CA SER A 38 -17.68 11.62 4.24
C SER A 38 -17.17 13.04 4.00
N ASP A 39 -16.17 13.45 4.77
CA ASP A 39 -15.60 14.78 4.64
C ASP A 39 -14.15 14.76 5.12
N GLU A 40 -13.38 15.75 4.71
CA GLU A 40 -11.96 15.82 5.06
C GLU A 40 -11.49 17.27 5.04
N TRP A 41 -12.42 18.20 5.20
CA TRP A 41 -12.08 19.61 5.11
C TRP A 41 -10.83 20.17 5.76
N PHE A 42 -10.68 20.07 7.08
CA PHE A 42 -9.50 20.63 7.73
C PHE A 42 -8.27 19.77 7.80
N ALA A 43 -8.44 18.45 7.83
CA ALA A 43 -7.31 17.53 7.90
C ALA A 43 -7.67 16.17 7.32
N SER A 44 -6.78 15.64 6.49
CA SER A 44 -6.97 14.37 5.80
C SER A 44 -7.18 13.13 6.66
N ALA A 45 -8.09 12.27 6.21
CA ALA A 45 -8.40 11.04 6.92
C ALA A 45 -7.20 10.12 6.98
N GLU A 46 -6.27 10.25 6.04
CA GLU A 46 -5.05 9.42 6.01
C GLU A 46 -4.18 9.64 7.25
N ASN A 47 -4.24 10.83 7.83
CA ASN A 47 -3.46 11.12 9.02
C ASN A 47 -3.76 10.17 10.17
N LEU A 48 -5.00 9.69 10.21
CA LEU A 48 -5.47 8.79 11.27
C LEU A 48 -4.64 7.54 11.53
N ILE A 49 -4.12 6.94 10.47
CA ILE A 49 -3.36 5.70 10.55
C ILE A 49 -1.84 5.76 10.39
N GLN A 50 -1.22 6.92 10.54
CA GLN A 50 0.22 7.01 10.39
C GLN A 50 0.89 6.49 11.65
N PRO A 51 2.05 5.83 11.51
CA PRO A 51 2.83 5.26 12.61
C PRO A 51 3.40 6.21 13.64
N THR A 52 3.75 7.42 13.22
CA THR A 52 4.31 8.41 14.14
C THR A 52 3.24 8.98 15.06
N ALA A 53 3.65 9.52 16.20
CA ALA A 53 2.71 10.12 17.13
C ALA A 53 2.38 11.52 16.62
N PRO A 54 1.21 12.06 16.99
CA PRO A 54 0.73 13.39 16.58
C PRO A 54 1.60 14.58 16.98
N ILE A 55 1.92 15.41 15.99
CA ILE A 55 2.73 16.60 16.18
C ILE A 55 1.81 17.81 16.14
N ARG A 56 2.28 18.95 16.64
CA ARG A 56 1.46 20.16 16.66
C ARG A 56 2.01 21.32 15.82
N ASP A 57 1.19 22.35 15.67
CA ASP A 57 1.52 23.56 14.93
C ASP A 57 1.58 23.36 13.42
N TRP A 67 -2.85 23.92 10.21
CA TRP A 67 -2.75 22.50 9.90
C TRP A 67 -2.74 21.64 11.15
N TYR A 68 -3.44 20.52 11.08
CA TYR A 68 -3.53 19.59 12.20
C TYR A 68 -3.12 18.19 11.78
N ASP A 69 -2.49 17.47 12.70
CA ASP A 69 -2.06 16.10 12.43
C ASP A 69 -3.20 15.18 12.82
N GLY A 70 -4.18 15.04 11.93
CA GLY A 70 -5.31 14.20 12.21
C GLY A 70 -6.41 14.37 11.19
N TRP A 71 -7.60 13.90 11.55
CA TRP A 71 -8.77 13.99 10.68
C TRP A 71 -9.78 14.95 11.29
N GLU A 72 -9.99 16.08 10.62
CA GLU A 72 -10.95 17.06 11.12
C GLU A 72 -11.88 17.42 9.97
N THR A 73 -13.18 17.35 10.23
CA THR A 73 -14.19 17.64 9.20
C THR A 73 -14.82 19.02 9.36
N ARG A 74 -15.54 19.49 8.36
CA ARG A 74 -16.18 20.80 8.45
C ARG A 74 -17.15 20.82 9.60
N ARG A 75 -17.69 21.99 9.88
CA ARG A 75 -18.62 22.18 10.99
C ARG A 75 -20.10 22.02 10.64
N HIS A 76 -20.89 21.72 11.66
CA HIS A 76 -22.32 21.57 11.51
C HIS A 76 -22.78 20.51 10.50
N ASN A 77 -22.32 19.27 10.64
CA ASN A 77 -22.72 18.21 9.72
C ASN A 77 -24.22 18.02 9.80
N GLU A 78 -24.89 17.90 8.66
CA GLU A 78 -26.33 17.70 8.65
C GLU A 78 -26.64 16.21 8.74
N MET A 79 -25.66 15.37 8.42
CA MET A 79 -25.85 13.93 8.49
C MET A 79 -25.67 13.53 9.95
N GLU A 80 -26.27 12.41 10.35
CA GLU A 80 -26.15 11.95 11.73
C GLU A 80 -24.72 11.77 12.22
N TYR A 81 -23.78 11.56 11.29
CA TYR A 81 -22.39 11.34 11.67
C TYR A 81 -21.45 11.44 10.47
N ASP A 82 -20.17 11.63 10.75
CA ASP A 82 -19.18 11.66 9.68
C ASP A 82 -18.62 10.26 9.77
N TRP A 83 -17.86 9.85 8.77
CA TRP A 83 -17.31 8.51 8.79
C TRP A 83 -16.14 8.35 7.83
N VAL A 84 -15.45 7.22 7.95
CA VAL A 84 -14.33 6.89 7.08
C VAL A 84 -14.25 5.37 7.01
N ILE A 85 -13.88 4.84 5.85
CA ILE A 85 -13.74 3.41 5.64
C ILE A 85 -12.27 3.08 5.43
N ILE A 86 -11.75 2.20 6.26
CA ILE A 86 -10.34 1.83 6.14
C ILE A 86 -10.17 0.34 5.90
N LYS A 87 -9.27 0.00 4.98
CA LYS A 87 -9.01 -1.39 4.63
C LYS A 87 -7.74 -1.83 5.32
N MET A 88 -7.82 -2.95 6.02
CA MET A 88 -6.68 -3.51 6.73
C MET A 88 -5.55 -3.85 5.74
N GLY A 89 -4.30 -3.81 6.22
CA GLY A 89 -3.17 -4.14 5.37
C GLY A 89 -3.12 -5.65 5.18
N VAL A 90 -3.51 -6.34 6.24
CA VAL A 90 -3.54 -7.79 6.28
C VAL A 90 -4.79 -8.34 5.57
N ALA A 91 -4.80 -9.64 5.32
CA ALA A 91 -5.93 -10.29 4.64
C ALA A 91 -7.23 -10.21 5.43
N ALA A 92 -7.14 -10.42 6.74
CA ALA A 92 -8.31 -10.38 7.60
C ALA A 92 -7.84 -10.58 9.03
N ALA A 93 -8.71 -10.24 9.99
CA ALA A 93 -8.39 -10.39 11.40
C ALA A 93 -9.61 -10.29 12.31
N HIS A 94 -9.42 -10.71 13.56
CA HIS A 94 -10.45 -10.68 14.60
C HIS A 94 -10.06 -9.45 15.43
N ILE A 95 -11.02 -8.67 15.88
CA ILE A 95 -10.70 -7.46 16.64
C ILE A 95 -10.87 -7.63 18.16
N ILE A 96 -9.97 -7.02 18.94
CA ILE A 96 -10.07 -7.07 20.39
C ILE A 96 -10.30 -5.67 20.93
N GLY A 97 -9.63 -4.70 20.33
CA GLY A 97 -9.77 -3.33 20.78
C GLY A 97 -9.05 -2.33 19.91
N GLY A 98 -8.71 -1.19 20.48
CA GLY A 98 -8.03 -0.16 19.71
C GLY A 98 -7.85 1.13 20.49
N GLU A 99 -7.34 2.15 19.82
CA GLU A 99 -7.11 3.44 20.43
C GLU A 99 -7.68 4.56 19.56
N ILE A 100 -8.11 5.63 20.20
CA ILE A 100 -8.60 6.82 19.53
C ILE A 100 -7.88 7.94 20.24
N ASP A 101 -7.00 8.64 19.53
CA ASP A 101 -6.27 9.76 20.12
C ASP A 101 -6.84 11.03 19.54
N THR A 102 -7.20 11.97 20.41
CA THR A 102 -7.75 13.25 19.96
C THR A 102 -6.71 14.34 20.24
N ALA A 103 -5.46 13.93 20.35
CA ALA A 103 -4.35 14.84 20.61
C ALA A 103 -4.49 16.20 19.93
N PHE A 104 -4.12 17.26 20.65
CA PHE A 104 -4.17 18.64 20.15
C PHE A 104 -5.52 19.10 19.61
N PHE A 105 -6.56 18.30 19.83
CA PHE A 105 -7.92 18.69 19.44
C PHE A 105 -8.62 18.94 20.77
N ASN A 106 -8.42 20.12 21.35
CA ASN A 106 -9.03 20.43 22.63
C ASN A 106 -10.34 21.22 22.50
N GLY A 107 -11.44 20.48 22.35
CA GLY A 107 -12.74 21.11 22.21
C GLY A 107 -13.44 20.72 20.93
N ASN A 108 -12.74 20.79 19.82
CA ASN A 108 -13.31 20.44 18.53
C ASN A 108 -13.07 18.96 18.21
N HIS A 109 -12.86 18.17 19.26
CA HIS A 109 -12.63 16.74 19.09
C HIS A 109 -13.95 16.01 18.88
N ALA A 110 -13.89 14.78 18.40
CA ALA A 110 -15.10 14.00 18.16
C ALA A 110 -15.80 13.73 19.48
N PRO A 111 -17.05 14.21 19.64
CA PRO A 111 -17.75 13.97 20.89
C PRO A 111 -18.02 12.49 21.16
N PHE A 112 -18.51 11.76 20.15
CA PHE A 112 -18.78 10.33 20.29
C PHE A 112 -18.25 9.52 19.11
N VAL A 113 -18.00 8.24 19.34
CA VAL A 113 -17.46 7.39 18.28
C VAL A 113 -17.91 5.93 18.39
N SER A 114 -18.14 5.28 17.25
CA SER A 114 -18.52 3.88 17.21
C SER A 114 -17.76 3.25 16.06
N ILE A 115 -17.54 1.95 16.09
CA ILE A 115 -16.80 1.31 15.01
C ILE A 115 -17.57 0.14 14.42
N GLU A 116 -17.45 -0.03 13.10
CA GLU A 116 -18.14 -1.13 12.44
C GLU A 116 -17.14 -1.91 11.59
N ALA A 117 -17.51 -3.12 11.21
CA ALA A 117 -16.62 -3.95 10.40
C ALA A 117 -17.42 -4.74 9.39
N LEU A 118 -16.72 -5.33 8.43
CA LEU A 118 -17.38 -6.12 7.41
C LEU A 118 -16.32 -6.94 6.67
N TYR A 119 -16.72 -8.08 6.11
CA TYR A 119 -15.79 -8.95 5.40
C TYR A 119 -16.15 -9.01 3.92
N ASP A 120 -15.18 -8.69 3.08
CA ASP A 120 -15.41 -8.74 1.64
C ASP A 120 -14.50 -9.76 1.01
N GLU A 121 -15.09 -10.88 0.62
CA GLU A 121 -14.39 -12.00 -0.01
C GLU A 121 -13.21 -11.57 -0.87
N GLY A 122 -13.51 -10.84 -1.95
CA GLY A 122 -12.45 -10.38 -2.83
C GLY A 122 -12.43 -8.89 -3.07
N GLU A 123 -11.29 -8.40 -3.57
CA GLU A 123 -11.13 -6.98 -3.86
C GLU A 123 -12.00 -6.62 -5.07
N GLU A 124 -13.28 -6.96 -4.97
CA GLU A 124 -14.25 -6.72 -6.03
C GLU A 124 -14.39 -5.24 -6.37
N GLY A 125 -14.06 -4.38 -5.42
CA GLY A 125 -14.15 -2.95 -5.62
C GLY A 125 -13.95 -2.18 -4.32
N ASN A 126 -14.29 -0.90 -4.34
CA ASN A 126 -14.13 -0.08 -3.14
C ASN A 126 -15.44 -0.10 -2.34
N ILE A 127 -15.36 -0.52 -1.09
CA ILE A 127 -16.53 -0.60 -0.23
C ILE A 127 -17.21 0.75 0.00
N VAL A 128 -18.54 0.74 0.05
CA VAL A 128 -19.33 1.94 0.26
C VAL A 128 -19.87 1.96 1.69
N GLU A 129 -19.97 3.13 2.31
CA GLU A 129 -20.44 3.22 3.69
C GLU A 129 -21.87 2.69 3.81
N ASP A 130 -22.52 2.60 2.66
CA ASP A 130 -23.89 2.15 2.54
C ASP A 130 -24.05 0.62 2.51
N ASP A 131 -22.94 -0.10 2.29
CA ASP A 131 -22.97 -1.56 2.21
C ASP A 131 -23.78 -2.19 3.34
N SER A 132 -24.51 -3.26 3.01
CA SER A 132 -25.36 -3.93 3.98
C SER A 132 -24.63 -4.90 4.91
N ARG A 133 -23.39 -5.22 4.59
CA ARG A 133 -22.60 -6.14 5.40
C ARG A 133 -21.98 -5.52 6.65
N TRP A 134 -21.97 -4.20 6.76
CA TRP A 134 -21.38 -3.55 7.94
C TRP A 134 -21.96 -4.09 9.23
N VAL A 135 -21.11 -4.24 10.25
CA VAL A 135 -21.52 -4.78 11.54
C VAL A 135 -20.89 -4.01 12.70
N GLU A 136 -21.70 -3.64 13.69
CA GLU A 136 -21.17 -2.92 14.83
C GLU A 136 -20.19 -3.74 15.66
N ILE A 137 -18.95 -3.26 15.74
CA ILE A 137 -17.86 -3.90 16.49
C ILE A 137 -17.63 -3.23 17.83
N VAL A 138 -17.83 -1.93 17.88
CA VAL A 138 -17.63 -1.18 19.12
C VAL A 138 -18.77 -0.19 19.24
N GLU A 139 -19.65 -0.41 20.21
CA GLU A 139 -20.78 0.47 20.43
C GLU A 139 -20.30 1.89 20.73
N LYS A 140 -21.13 2.85 20.33
CA LYS A 140 -20.88 4.28 20.52
C LYS A 140 -20.40 4.61 21.93
N PHE A 141 -19.35 5.40 22.03
CA PHE A 141 -18.82 5.81 23.34
C PHE A 141 -18.31 7.25 23.27
N GLU A 142 -18.12 7.87 24.43
CA GLU A 142 -17.68 9.26 24.51
C GLU A 142 -16.17 9.47 24.52
N CYS A 143 -15.72 10.53 23.85
CA CYS A 143 -14.30 10.86 23.81
C CYS A 143 -14.05 12.14 24.57
N GLY A 144 -12.81 12.31 25.03
CA GLY A 144 -12.46 13.51 25.76
C GLY A 144 -11.52 14.32 24.91
N PRO A 145 -11.24 15.58 25.30
CA PRO A 145 -10.33 16.38 24.48
C PRO A 145 -8.86 16.00 24.65
N SER A 146 -8.07 16.24 23.60
CA SER A 146 -6.63 16.01 23.57
C SER A 146 -6.13 14.84 24.43
N GLN A 147 -6.66 13.65 24.19
CA GLN A 147 -6.25 12.49 24.99
C GLN A 147 -6.32 11.15 24.24
N ARG A 148 -5.78 10.11 24.85
CA ARG A 148 -5.80 8.80 24.25
C ARG A 148 -6.86 7.94 24.90
N HIS A 149 -7.64 7.25 24.08
CA HIS A 149 -8.68 6.38 24.60
C HIS A 149 -8.32 4.93 24.27
N LEU A 150 -7.86 4.21 25.26
CA LEU A 150 -7.51 2.80 25.08
C LEU A 150 -8.77 1.99 25.42
N PHE A 151 -9.24 1.18 24.49
CA PHE A 151 -10.44 0.40 24.74
C PHE A 151 -10.42 -1.03 24.23
N VAL A 152 -11.08 -1.92 24.98
CA VAL A 152 -11.17 -3.33 24.61
C VAL A 152 -12.63 -3.74 24.53
N ARG A 153 -12.95 -4.68 23.67
CA ARG A 153 -14.33 -5.12 23.56
C ARG A 153 -14.67 -5.90 24.83
N GLY A 154 -15.84 -5.63 25.39
CA GLY A 154 -16.26 -6.32 26.60
C GLY A 154 -16.14 -7.84 26.48
N ASN A 155 -16.57 -8.40 25.36
CA ASN A 155 -16.50 -9.84 25.15
C ASN A 155 -15.23 -10.29 24.46
N GLY A 156 -14.34 -9.34 24.16
CA GLY A 156 -13.09 -9.71 23.51
C GLY A 156 -13.09 -9.90 22.01
N LEU A 157 -12.21 -10.81 21.59
CA LEU A 157 -12.02 -11.14 20.18
C LEU A 157 -13.32 -11.47 19.44
N THR A 158 -13.60 -10.73 18.37
CA THR A 158 -14.80 -10.96 17.58
C THR A 158 -14.72 -12.36 16.97
N LYS A 159 -15.76 -13.17 17.12
CA LYS A 159 -15.73 -14.51 16.56
C LYS A 159 -15.70 -14.54 15.03
N GLU A 160 -15.98 -13.40 14.40
CA GLU A 160 -15.98 -13.33 12.94
C GLU A 160 -14.70 -12.68 12.41
N ARG A 161 -14.40 -12.94 11.14
CA ARG A 161 -13.23 -12.36 10.48
C ARG A 161 -13.65 -11.05 9.85
N PHE A 162 -12.70 -10.12 9.72
CA PHE A 162 -13.00 -8.83 9.12
C PHE A 162 -11.89 -8.27 8.23
N THR A 163 -12.27 -7.55 7.19
CA THR A 163 -11.30 -6.97 6.28
C THR A 163 -11.34 -5.44 6.31
N HIS A 164 -12.53 -4.86 6.37
CA HIS A 164 -12.64 -3.40 6.42
C HIS A 164 -13.28 -2.94 7.72
N ILE A 165 -12.88 -1.78 8.20
CA ILE A 165 -13.50 -1.26 9.41
C ILE A 165 -13.95 0.17 9.13
N LYS A 166 -15.00 0.60 9.82
CA LYS A 166 -15.54 1.93 9.62
C LYS A 166 -15.66 2.71 10.91
N LEU A 167 -14.96 3.85 10.94
CA LEU A 167 -14.99 4.73 12.09
C LEU A 167 -16.09 5.74 11.83
N LYS A 168 -16.87 6.04 12.85
CA LYS A 168 -17.94 7.02 12.75
C LYS A 168 -17.75 8.06 13.83
N MET A 169 -17.91 9.32 13.47
CA MET A 169 -17.77 10.41 14.43
C MET A 169 -19.09 11.18 14.46
N TYR A 170 -19.79 11.12 15.58
CA TYR A 170 -21.08 11.82 15.74
C TYR A 170 -20.85 13.15 16.43
N PRO A 171 -21.09 14.28 15.73
CA PRO A 171 -21.53 14.44 14.33
C PRO A 171 -20.38 14.86 13.40
N ASP A 172 -19.28 15.29 14.01
CA ASP A 172 -18.13 15.76 13.29
C ASP A 172 -17.13 16.28 14.31
N GLY A 173 -15.94 16.61 13.84
CA GLY A 173 -14.90 17.12 14.72
C GLY A 173 -13.55 16.58 14.30
N GLY A 174 -12.66 16.39 15.28
CA GLY A 174 -11.35 15.88 14.97
C GLY A 174 -10.85 14.73 15.82
N ILE A 175 -10.14 13.83 15.14
CA ILE A 175 -9.51 12.67 15.77
C ILE A 175 -8.06 12.75 15.27
N ALA A 176 -7.09 12.57 16.15
CA ALA A 176 -5.69 12.64 15.75
C ALA A 176 -5.20 11.31 15.21
N ARG A 177 -5.47 10.24 15.94
CA ARG A 177 -5.04 8.93 15.49
C ARG A 177 -6.09 7.87 15.80
N PHE A 178 -6.07 6.82 15.01
CA PHE A 178 -6.99 5.70 15.16
C PHE A 178 -6.24 4.39 15.01
N ARG A 179 -6.12 3.63 16.10
CA ARG A 179 -5.43 2.34 16.06
C ARG A 179 -6.44 1.23 16.35
N LEU A 180 -6.42 0.17 15.55
CA LEU A 180 -7.34 -0.94 15.78
C LEU A 180 -6.57 -2.26 15.81
N TYR A 181 -6.35 -2.74 17.04
CA TYR A 181 -5.64 -3.98 17.26
C TYR A 181 -6.51 -5.17 16.94
N GLY A 182 -5.91 -6.18 16.30
CA GLY A 182 -6.65 -7.37 15.92
C GLY A 182 -5.73 -8.57 15.68
N ARG A 183 -6.27 -9.77 15.85
CA ARG A 183 -5.50 -11.00 15.63
C ARG A 183 -5.54 -11.33 14.14
N VAL A 184 -4.39 -11.32 13.50
CA VAL A 184 -4.33 -11.58 12.08
C VAL A 184 -4.70 -13.01 11.69
N VAL A 185 -5.59 -13.11 10.72
CA VAL A 185 -6.00 -14.40 10.19
C VAL A 185 -5.07 -14.62 9.00
N PRO A 186 -4.01 -15.42 9.18
CA PRO A 186 -3.08 -15.66 8.07
C PRO A 186 -3.79 -16.09 6.79
N PRO A 187 -3.17 -15.86 5.63
CA PRO A 187 -3.70 -16.21 4.31
C PRO A 187 -3.92 -17.71 4.13
N ILE A 195 6.46 -23.01 2.37
CA ILE A 195 7.42 -22.31 3.21
C ILE A 195 7.06 -20.82 3.33
N ILE A 196 7.07 -20.27 4.54
CA ILE A 196 6.72 -18.86 4.70
C ILE A 196 7.47 -18.19 5.83
N ASP A 197 7.46 -16.86 5.83
CA ASP A 197 8.14 -16.10 6.87
C ASP A 197 7.31 -16.26 8.15
N LEU A 198 7.77 -17.13 9.04
CA LEU A 198 7.06 -17.40 10.27
C LEU A 198 6.99 -16.20 11.22
N ALA A 199 7.88 -15.23 11.03
CA ALA A 199 7.91 -14.06 11.91
C ALA A 199 7.34 -12.83 11.23
N TYR A 200 6.64 -13.06 10.14
CA TYR A 200 6.04 -12.03 9.34
C TYR A 200 4.69 -11.67 9.97
N VAL A 201 4.46 -10.36 10.18
CA VAL A 201 3.23 -9.85 10.77
C VAL A 201 2.00 -10.24 9.95
N CYS A 202 2.15 -10.24 8.62
CA CYS A 202 1.06 -10.59 7.74
C CYS A 202 0.72 -12.08 7.87
N ASN A 203 1.54 -12.81 8.61
CA ASN A 203 1.29 -14.24 8.84
C ASN A 203 0.81 -14.51 10.27
N GLY A 204 0.67 -13.45 11.06
CA GLY A 204 0.20 -13.60 12.42
C GLY A 204 1.23 -13.47 13.54
N ALA A 205 2.47 -13.13 13.19
CA ALA A 205 3.49 -12.95 14.22
C ALA A 205 3.32 -11.60 14.88
N VAL A 206 3.76 -11.50 16.11
CA VAL A 206 3.66 -10.25 16.85
C VAL A 206 4.84 -10.13 17.81
N ALA A 207 5.22 -8.88 18.11
CA ALA A 207 6.32 -8.61 19.03
C ALA A 207 5.71 -8.74 20.41
N LEU A 208 6.34 -9.52 21.28
CA LEU A 208 5.81 -9.72 22.62
C LEU A 208 6.43 -8.88 23.69
N LYS A 209 7.71 -9.08 23.94
CA LYS A 209 8.38 -8.30 24.95
C LYS A 209 9.70 -7.84 24.38
N TYR A 210 10.38 -6.95 25.10
CA TYR A 210 11.64 -6.43 24.62
C TYR A 210 12.34 -5.67 25.73
N SER A 211 13.68 -5.67 25.70
CA SER A 211 14.45 -4.98 26.72
C SER A 211 14.11 -3.49 26.69
N ASP A 212 14.18 -2.89 25.51
CA ASP A 212 13.85 -1.46 25.38
C ASP A 212 13.77 -0.98 23.93
N GLN A 213 13.12 0.17 23.75
CA GLN A 213 12.96 0.78 22.43
C GLN A 213 13.29 2.24 22.59
N HIS A 214 14.24 2.75 21.82
CA HIS A 214 14.57 4.15 21.92
C HIS A 214 13.81 4.87 20.82
N PHE A 215 14.02 4.42 19.59
CA PHE A 215 13.34 4.97 18.42
C PHE A 215 12.76 3.79 17.67
N GLY A 216 11.62 3.98 17.03
CA GLY A 216 11.01 2.88 16.31
C GLY A 216 10.53 1.88 17.34
N SER A 217 9.95 0.77 16.90
CA SER A 217 9.47 -0.25 17.82
C SER A 217 9.85 -1.65 17.37
N VAL A 218 9.84 -2.60 18.30
CA VAL A 218 10.18 -3.98 18.00
C VAL A 218 9.23 -4.58 16.98
N ASP A 219 8.00 -4.06 16.92
CA ASP A 219 7.06 -4.59 15.96
C ASP A 219 7.37 -4.13 14.53
N ASN A 220 8.42 -3.33 14.35
CA ASN A 220 8.81 -2.88 13.01
C ASN A 220 9.61 -4.00 12.33
N LEU A 221 10.16 -4.88 13.15
CA LEU A 221 10.96 -6.00 12.67
C LEU A 221 10.16 -6.97 11.80
N LEU A 222 8.88 -7.12 12.10
CA LEU A 222 8.04 -8.05 11.36
C LEU A 222 7.28 -7.45 10.19
N LEU A 223 7.71 -6.29 9.71
CA LEU A 223 7.02 -5.61 8.62
C LEU A 223 7.48 -5.92 7.19
N PRO A 224 6.67 -5.51 6.19
CA PRO A 224 6.98 -5.71 4.77
C PRO A 224 8.00 -4.69 4.31
N GLY A 225 8.78 -5.04 3.28
CA GLY A 225 9.80 -4.14 2.76
C GLY A 225 11.00 -3.98 3.68
N ARG A 226 12.01 -3.24 3.20
CA ARG A 226 13.22 -2.97 3.97
C ARG A 226 13.12 -1.60 4.63
N GLY A 227 12.06 -0.87 4.35
CA GLY A 227 11.89 0.44 4.95
C GLY A 227 12.56 1.57 4.18
N HIS A 228 12.29 2.79 4.63
CA HIS A 228 12.85 3.99 4.01
C HIS A 228 14.04 4.61 4.76
N ASP A 229 14.03 4.55 6.08
CA ASP A 229 15.14 5.08 6.88
C ASP A 229 15.19 4.38 8.25
N MET A 230 16.03 4.89 9.16
CA MET A 230 16.15 4.25 10.48
C MET A 230 14.91 4.37 11.35
N SER A 231 13.97 5.23 10.96
CA SER A 231 12.78 5.42 11.78
C SER A 231 11.78 4.27 11.79
N ASP A 232 11.82 3.44 10.76
CA ASP A 232 10.90 2.32 10.69
C ASP A 232 11.54 1.03 11.16
N GLY A 233 12.61 1.15 11.93
CA GLY A 233 13.29 -0.02 12.45
C GLY A 233 13.22 0.00 13.97
N TRP A 234 14.03 -0.85 14.59
CA TRP A 234 14.09 -0.95 16.04
C TRP A 234 15.49 -0.54 16.47
N GLU A 235 15.57 0.50 17.29
CA GLU A 235 16.86 0.99 17.76
C GLU A 235 16.86 1.19 19.28
N THR A 236 18.03 0.99 19.89
CA THR A 236 18.17 1.15 21.32
C THR A 236 19.30 2.12 21.63
N LYS A 237 19.16 2.89 22.70
CA LYS A 237 20.19 3.85 23.11
C LYS A 237 21.59 3.23 23.11
N ARG A 238 22.61 4.09 23.17
CA ARG A 238 24.00 3.65 23.21
C ARG A 238 24.24 3.31 24.69
N SER A 239 24.47 2.03 24.97
CA SER A 239 24.70 1.59 26.34
C SER A 239 26.20 1.58 26.67
N ARG A 240 26.51 1.45 27.96
CA ARG A 240 27.89 1.44 28.39
C ARG A 240 28.27 0.27 29.33
N GLN A 241 27.28 -0.26 30.04
CA GLN A 241 27.53 -1.37 30.97
C GLN A 241 28.12 -2.56 30.25
N PRO A 242 29.16 -3.19 30.83
CA PRO A 242 29.79 -4.35 30.21
C PRO A 242 28.82 -5.53 30.16
N GLY A 243 28.95 -6.35 29.13
CA GLY A 243 28.09 -7.49 28.98
C GLY A 243 26.64 -7.08 28.79
N HIS A 244 26.41 -5.81 28.42
CA HIS A 244 25.05 -5.33 28.21
C HIS A 244 24.54 -5.83 26.87
N THR A 245 23.23 -6.04 26.78
CA THR A 245 22.61 -6.50 25.54
C THR A 245 21.17 -6.02 25.44
N ASP A 246 20.57 -6.21 24.28
CA ASP A 246 19.18 -5.86 24.04
C ASP A 246 18.54 -7.03 23.31
N TRP A 247 17.25 -7.23 23.50
CA TRP A 247 16.59 -8.34 22.88
C TRP A 247 15.12 -8.09 22.60
N ALA A 248 14.58 -8.89 21.69
CA ALA A 248 13.18 -8.79 21.32
C ALA A 248 12.63 -10.21 21.18
N VAL A 249 11.51 -10.48 21.83
CA VAL A 249 10.90 -11.79 21.73
C VAL A 249 9.73 -11.72 20.77
N ILE A 250 9.84 -12.41 19.65
CA ILE A 250 8.74 -12.42 18.68
C ILE A 250 8.02 -13.76 18.82
N GLN A 251 6.72 -13.76 18.62
CA GLN A 251 5.97 -15.01 18.68
C GLN A 251 5.54 -15.28 17.25
N LEU A 252 6.16 -16.28 16.63
CA LEU A 252 5.81 -16.60 15.25
C LEU A 252 4.31 -16.80 15.13
N GLY A 253 3.75 -16.42 13.99
CA GLY A 253 2.31 -16.57 13.80
C GLY A 253 1.90 -18.01 13.58
N ARG A 254 2.85 -18.94 13.72
CA ARG A 254 2.58 -20.36 13.52
C ARG A 254 3.80 -21.17 13.97
N GLU A 255 3.60 -22.08 14.91
CA GLU A 255 4.69 -22.94 15.41
C GLU A 255 5.45 -23.54 14.23
N SER A 256 6.77 -23.59 14.34
CA SER A 256 7.57 -24.14 13.26
C SER A 256 7.81 -25.64 13.43
N SER A 257 8.46 -26.21 12.43
CA SER A 257 8.81 -27.62 12.43
C SER A 257 10.18 -27.67 11.76
N PHE A 258 10.31 -26.91 10.67
CA PHE A 258 11.55 -26.82 9.94
C PHE A 258 11.86 -25.35 9.61
N ILE A 259 13.00 -24.86 10.10
CA ILE A 259 13.43 -23.49 9.87
C ILE A 259 14.59 -23.52 8.88
N GLU A 260 14.34 -23.06 7.66
CA GLU A 260 15.41 -23.06 6.67
C GLU A 260 16.43 -21.96 6.93
N LYS A 261 16.00 -20.72 6.87
CA LYS A 261 16.91 -19.60 7.08
C LYS A 261 16.35 -18.46 7.92
N ILE A 262 17.24 -17.80 8.67
CA ILE A 262 16.85 -16.66 9.47
C ILE A 262 17.63 -15.48 8.90
N ILE A 263 16.91 -14.40 8.62
CA ILE A 263 17.53 -13.21 8.08
C ILE A 263 17.45 -12.05 9.05
N VAL A 264 18.58 -11.38 9.27
CA VAL A 264 18.62 -10.22 10.14
C VAL A 264 19.07 -9.07 9.27
N ASP A 265 18.15 -8.15 8.96
CA ASP A 265 18.46 -7.01 8.09
C ASP A 265 18.75 -5.75 8.89
N THR A 266 19.92 -5.17 8.67
CA THR A 266 20.31 -3.97 9.38
C THR A 266 20.28 -2.77 8.43
N ALA A 267 19.45 -2.89 7.40
CA ALA A 267 19.32 -1.83 6.42
C ALA A 267 19.12 -0.48 7.08
N HIS A 268 19.87 0.51 6.59
CA HIS A 268 19.84 1.88 7.09
C HIS A 268 20.56 2.12 8.41
N PHE A 269 21.07 1.05 9.03
CA PHE A 269 21.81 1.25 10.25
C PHE A 269 23.27 1.14 9.84
N ARG A 270 23.89 2.29 9.66
CA ARG A 270 25.26 2.42 9.20
C ARG A 270 26.31 2.73 10.25
N GLY A 271 25.92 3.46 11.28
CA GLY A 271 26.89 3.78 12.31
C GLY A 271 26.46 3.36 13.69
N ASN A 272 25.27 2.77 13.78
CA ASN A 272 24.76 2.36 15.07
C ASN A 272 24.18 0.97 15.06
N PHE A 273 24.56 0.18 14.06
CA PHE A 273 24.09 -1.20 13.95
C PHE A 273 24.80 -1.99 15.02
N PRO A 274 24.20 -3.11 15.45
CA PRO A 274 24.82 -3.94 16.49
C PRO A 274 26.18 -4.50 16.12
N GLN A 275 26.96 -4.83 17.14
CA GLN A 275 28.29 -5.39 16.92
C GLN A 275 28.21 -6.90 16.70
N PHE A 276 27.26 -7.56 17.37
CA PHE A 276 27.02 -9.00 17.25
C PHE A 276 25.53 -9.24 17.49
N ILE A 277 25.04 -10.40 17.04
CA ILE A 277 23.65 -10.80 17.28
C ILE A 277 23.62 -12.31 17.46
N THR A 278 22.56 -12.82 18.07
CA THR A 278 22.37 -14.26 18.27
C THR A 278 20.86 -14.47 18.27
N VAL A 279 20.39 -15.56 17.66
CA VAL A 279 18.96 -15.83 17.68
C VAL A 279 18.71 -17.10 18.49
N GLU A 280 17.62 -17.11 19.24
CA GLU A 280 17.25 -18.26 20.04
C GLU A 280 15.81 -18.69 19.79
N GLY A 281 15.49 -19.91 20.19
CA GLY A 281 14.15 -20.43 19.99
C GLY A 281 13.57 -21.06 21.23
N CYS A 282 12.27 -20.89 21.42
CA CYS A 282 11.58 -21.43 22.57
C CYS A 282 10.23 -22.01 22.15
N LEU A 283 9.76 -22.99 22.91
CA LEU A 283 8.47 -23.63 22.62
C LEU A 283 7.50 -23.48 23.80
N LYS A 284 6.27 -23.09 23.49
CA LYS A 284 5.24 -22.90 24.50
C LYS A 284 4.98 -24.18 25.30
N GLY A 295 9.74 -23.57 27.19
CA GLY A 295 10.42 -23.31 28.44
C GLY A 295 11.88 -22.94 28.24
N THR A 296 12.68 -23.89 27.74
CA THR A 296 14.10 -23.62 27.53
C THR A 296 14.35 -22.95 26.19
N TRP A 297 15.34 -22.07 26.15
CA TRP A 297 15.69 -21.39 24.93
C TRP A 297 16.84 -22.13 24.28
N VAL A 298 16.80 -22.21 22.95
CA VAL A 298 17.82 -22.91 22.20
C VAL A 298 18.45 -21.96 21.21
N GLU A 299 19.77 -22.03 21.09
CA GLU A 299 20.52 -21.16 20.18
C GLU A 299 20.24 -21.63 18.75
N LEU A 300 19.95 -20.67 17.87
CA LEU A 300 19.68 -20.97 16.46
C LEU A 300 20.76 -20.33 15.60
N VAL A 301 21.28 -19.19 16.07
CA VAL A 301 22.34 -18.46 15.38
C VAL A 301 23.19 -17.89 16.51
N GLY A 302 24.35 -18.47 16.74
CA GLY A 302 25.22 -17.99 17.81
C GLY A 302 25.83 -16.66 17.47
N LYS A 303 26.55 -16.06 18.43
CA LYS A 303 27.21 -14.77 18.21
C LYS A 303 27.75 -14.67 16.79
N SER A 304 27.33 -13.62 16.09
CA SER A 304 27.79 -13.40 14.75
C SER A 304 28.04 -11.93 14.55
N LYS A 305 29.26 -11.59 14.16
CA LYS A 305 29.61 -10.20 13.92
C LYS A 305 28.69 -9.72 12.81
N THR A 306 28.07 -8.57 13.01
CA THR A 306 27.16 -8.02 12.01
C THR A 306 27.77 -6.79 11.36
N GLY A 307 27.30 -6.49 10.15
CA GLY A 307 27.77 -5.34 9.40
C GLY A 307 26.66 -4.33 9.17
N PRO A 308 26.99 -3.18 8.57
CA PRO A 308 26.00 -2.13 8.32
C PRO A 308 25.18 -2.26 7.04
N ASP A 309 23.91 -1.87 7.12
CA ASP A 309 23.01 -1.86 5.98
C ASP A 309 22.97 -3.17 5.18
N LYS A 310 23.07 -4.31 5.84
CA LYS A 310 23.09 -5.58 5.13
C LYS A 310 22.05 -6.60 5.60
N GLU A 311 21.76 -7.55 4.72
CA GLU A 311 20.84 -8.63 5.03
C GLU A 311 21.70 -9.83 5.37
N HIS A 312 22.02 -9.99 6.65
CA HIS A 312 22.83 -11.11 7.09
C HIS A 312 21.95 -12.35 7.05
N VAL A 313 22.29 -13.29 6.16
CA VAL A 313 21.50 -14.53 6.03
C VAL A 313 22.11 -15.75 6.70
N TYR A 314 21.35 -16.35 7.62
CA TYR A 314 21.80 -17.52 8.33
C TYR A 314 21.02 -18.77 7.94
N GLU A 315 21.69 -19.72 7.30
CA GLU A 315 21.07 -20.97 6.89
C GLU A 315 21.01 -21.87 8.12
N ILE A 316 19.81 -22.22 8.55
CA ILE A 316 19.63 -23.07 9.72
C ILE A 316 19.49 -24.53 9.28
N ARG A 317 18.55 -24.77 8.38
CA ARG A 317 18.29 -26.11 7.87
C ARG A 317 18.14 -27.08 9.04
N LYS A 318 17.43 -26.65 10.07
CA LYS A 318 17.23 -27.49 11.25
C LYS A 318 15.73 -27.69 11.53
N SER A 319 15.41 -28.81 12.17
CA SER A 319 14.03 -29.12 12.50
C SER A 319 13.85 -28.83 13.99
N ILE A 320 12.91 -27.94 14.30
CA ILE A 320 12.62 -27.57 15.68
C ILE A 320 11.19 -27.09 15.80
N ARG A 321 10.57 -27.35 16.95
CA ARG A 321 9.21 -26.90 17.18
C ARG A 321 9.28 -25.64 18.03
N VAL A 322 9.57 -24.50 17.40
CA VAL A 322 9.62 -23.24 18.13
C VAL A 322 8.35 -22.44 17.89
N SER A 323 7.93 -21.70 18.91
CA SER A 323 6.74 -20.87 18.79
C SER A 323 7.19 -19.43 18.95
N HIS A 324 8.30 -19.26 19.64
CA HIS A 324 8.84 -17.94 19.89
C HIS A 324 10.29 -17.85 19.45
N VAL A 325 10.66 -16.67 18.98
CA VAL A 325 12.03 -16.42 18.55
C VAL A 325 12.51 -15.21 19.35
N LYS A 326 13.80 -15.17 19.64
CA LYS A 326 14.36 -14.04 20.38
C LYS A 326 15.63 -13.56 19.72
N LEU A 327 15.62 -12.29 19.31
CA LEU A 327 16.78 -11.68 18.68
C LEU A 327 17.52 -10.91 19.77
N THR A 328 18.83 -11.05 19.82
CA THR A 328 19.65 -10.35 20.80
C THR A 328 20.66 -9.46 20.07
N ILE A 329 20.64 -8.18 20.42
CA ILE A 329 21.50 -7.16 19.86
C ILE A 329 22.60 -6.95 20.90
N ILE A 330 23.84 -6.99 20.47
CA ILE A 330 24.96 -6.80 21.40
C ILE A 330 25.98 -5.78 20.90
N PRO A 331 26.32 -4.80 21.74
CA PRO A 331 25.81 -4.58 23.10
C PRO A 331 24.50 -3.82 23.02
N ASP A 332 24.17 -3.36 21.82
CA ASP A 332 22.98 -2.58 21.53
C ASP A 332 23.09 -2.16 20.08
N GLY A 333 22.11 -1.45 19.57
CA GLY A 333 22.19 -1.02 18.18
C GLY A 333 20.86 -0.90 17.47
N GLY A 334 20.89 -0.99 16.15
CA GLY A 334 19.68 -0.87 15.37
C GLY A 334 19.49 -1.96 14.32
N VAL A 335 18.30 -2.53 14.29
CA VAL A 335 18.00 -3.57 13.33
C VAL A 335 16.74 -3.20 12.58
N LYS A 336 16.69 -3.50 11.29
CA LYS A 336 15.51 -3.15 10.53
C LYS A 336 14.47 -4.24 10.55
N ARG A 337 14.89 -5.47 10.27
CA ARG A 337 13.97 -6.59 10.22
C ARG A 337 14.61 -7.92 10.55
N ILE A 338 13.77 -8.87 10.95
CA ILE A 338 14.20 -10.22 11.22
C ILE A 338 13.21 -11.11 10.47
N ARG A 339 13.72 -12.08 9.69
CA ARG A 339 12.88 -12.99 8.92
C ARG A 339 13.21 -14.41 9.35
N VAL A 340 12.22 -15.29 9.33
CA VAL A 340 12.45 -16.67 9.73
C VAL A 340 11.71 -17.60 8.77
N TRP A 341 12.37 -17.97 7.67
CA TRP A 341 11.75 -18.85 6.70
C TRP A 341 11.76 -20.33 7.09
N GLY A 342 10.59 -20.97 7.01
CA GLY A 342 10.46 -22.37 7.36
C GLY A 342 9.03 -22.82 7.17
N TYR A 343 8.70 -23.99 7.71
CA TYR A 343 7.34 -24.53 7.61
C TYR A 343 6.77 -24.65 9.01
N MET B 1 12.14 -7.66 -29.07
CA MET B 1 11.90 -6.42 -28.27
C MET B 1 12.15 -5.18 -29.14
N LYS B 2 11.13 -4.33 -29.27
CA LYS B 2 11.28 -3.12 -30.07
C LYS B 2 11.30 -1.89 -29.17
N PHE B 3 12.05 -0.87 -29.58
CA PHE B 3 12.13 0.37 -28.82
C PHE B 3 11.41 1.45 -29.59
N PHE B 4 10.90 2.47 -28.89
CA PHE B 4 10.22 3.56 -29.54
C PHE B 4 10.85 4.86 -29.09
N SER B 5 11.05 5.77 -30.03
CA SER B 5 11.63 7.07 -29.70
C SER B 5 10.47 7.95 -29.25
N LEU B 6 10.77 9.09 -28.63
CA LEU B 6 9.74 10.00 -28.15
C LEU B 6 8.74 10.31 -29.25
N ALA B 7 9.25 10.58 -30.44
CA ALA B 7 8.39 10.90 -31.57
C ALA B 7 7.55 9.68 -31.98
N ASP B 8 7.58 8.65 -31.16
CA ASP B 8 6.83 7.42 -31.41
C ASP B 8 6.05 6.98 -30.19
N GLU B 9 5.96 7.85 -29.19
CA GLU B 9 5.22 7.51 -27.99
C GLU B 9 3.77 7.23 -28.41
N ALA B 10 3.31 7.97 -29.41
CA ALA B 10 1.96 7.81 -29.93
C ALA B 10 1.69 6.35 -30.25
N GLU B 11 2.63 5.73 -30.96
CA GLU B 11 2.48 4.32 -31.32
C GLU B 11 2.71 3.41 -30.12
N PHE B 12 3.63 3.80 -29.25
CA PHE B 12 3.93 3.00 -28.05
C PHE B 12 2.65 2.68 -27.30
N LYS B 13 1.92 3.73 -26.93
CA LYS B 13 0.66 3.56 -26.22
C LYS B 13 -0.26 2.62 -26.99
N SER B 14 -0.45 2.90 -28.27
CA SER B 14 -1.29 2.08 -29.12
C SER B 14 -1.03 0.60 -28.81
N ILE B 15 0.24 0.22 -28.82
CA ILE B 15 0.61 -1.16 -28.54
C ILE B 15 0.20 -1.60 -27.13
N ILE B 16 0.59 -0.84 -26.12
CA ILE B 16 0.29 -1.22 -24.76
C ILE B 16 -1.13 -0.91 -24.24
N ILE B 17 -1.66 0.27 -24.55
CA ILE B 17 -2.99 0.63 -24.10
C ILE B 17 -4.14 0.07 -24.92
N SER B 18 -4.35 0.60 -26.12
CA SER B 18 -5.44 0.10 -26.95
C SER B 18 -5.34 -1.39 -27.29
N LYS B 19 -4.22 -1.81 -27.85
CA LYS B 19 -4.04 -3.22 -28.22
C LYS B 19 -4.07 -4.19 -27.05
N ASN B 20 -3.02 -4.16 -26.23
CA ASN B 20 -2.89 -5.08 -25.11
C ASN B 20 -3.68 -4.81 -23.82
N LYS B 21 -4.34 -3.66 -23.73
CA LYS B 21 -5.12 -3.32 -22.55
C LYS B 21 -4.28 -3.38 -21.28
N ALA B 22 -3.10 -2.78 -21.33
CA ALA B 22 -2.23 -2.81 -20.18
C ALA B 22 -2.21 -1.49 -19.41
N VAL B 23 -1.56 -1.53 -18.26
CA VAL B 23 -1.43 -0.37 -17.38
C VAL B 23 -0.12 -0.55 -16.61
N ASP B 24 0.36 0.51 -15.97
CA ASP B 24 1.60 0.42 -15.19
C ASP B 24 1.25 -0.30 -13.89
N VAL B 25 1.55 -1.59 -13.86
CA VAL B 25 1.21 -2.41 -12.73
C VAL B 25 2.15 -2.39 -11.51
N ILE B 26 3.22 -1.60 -11.56
CA ILE B 26 4.12 -1.53 -10.41
C ILE B 26 4.21 -0.15 -9.75
N GLY B 27 3.63 0.86 -10.38
CA GLY B 27 3.67 2.19 -9.81
C GLY B 27 2.97 2.29 -8.46
N SER B 28 3.46 3.17 -7.59
CA SER B 28 2.89 3.33 -6.27
C SER B 28 1.40 3.72 -6.31
N LYS B 29 1.08 4.70 -7.13
CA LYS B 29 -0.28 5.21 -7.27
C LYS B 29 -1.31 4.08 -7.25
N LEU B 30 -0.89 2.95 -7.80
CA LEU B 30 -1.74 1.80 -7.93
C LEU B 30 -1.51 0.69 -6.90
N GLY B 31 -0.48 0.84 -6.07
CA GLY B 31 -0.22 -0.17 -5.06
C GLY B 31 1.15 -0.80 -5.15
N GLY B 32 1.93 -0.37 -6.13
CA GLY B 32 3.27 -0.91 -6.30
C GLY B 32 4.08 -0.61 -5.05
N GLN B 33 4.88 -1.57 -4.62
CA GLN B 33 5.68 -1.38 -3.43
C GLN B 33 7.04 -2.06 -3.53
N VAL B 34 8.09 -1.38 -3.08
CA VAL B 34 9.44 -1.95 -3.12
C VAL B 34 9.51 -2.99 -2.02
N VAL B 35 9.97 -4.18 -2.38
CA VAL B 35 10.07 -5.25 -1.40
C VAL B 35 11.48 -5.27 -0.81
N SER B 36 12.46 -5.07 -1.67
CA SER B 36 13.85 -5.01 -1.25
C SER B 36 14.73 -4.57 -2.42
N PHE B 37 16.01 -4.47 -2.14
CA PHE B 37 16.97 -4.02 -3.14
C PHE B 37 18.35 -4.36 -2.63
N SER B 38 19.33 -4.36 -3.51
CA SER B 38 20.69 -4.67 -3.13
C SER B 38 21.43 -3.49 -2.50
N ASP B 39 21.04 -2.27 -2.90
CA ASP B 39 21.70 -1.08 -2.38
C ASP B 39 20.91 0.15 -2.84
N GLU B 40 21.01 1.23 -2.08
CA GLU B 40 20.33 2.50 -2.38
C GLU B 40 21.24 3.62 -1.93
N TRP B 41 22.55 3.39 -1.92
CA TRP B 41 23.45 4.41 -1.40
C TRP B 41 23.18 5.89 -1.68
N PHE B 42 23.16 6.30 -2.95
CA PHE B 42 22.94 7.71 -3.23
C PHE B 42 21.50 8.14 -3.42
N ALA B 43 20.62 7.21 -3.76
CA ALA B 43 19.22 7.56 -3.98
C ALA B 43 18.28 6.38 -3.79
N SER B 44 17.25 6.60 -2.98
CA SER B 44 16.23 5.62 -2.61
C SER B 44 15.54 4.87 -3.74
N ALA B 45 15.46 3.55 -3.58
CA ALA B 45 14.84 2.68 -4.59
C ALA B 45 13.36 2.97 -4.79
N GLU B 46 12.70 3.46 -3.74
CA GLU B 46 11.28 3.75 -3.83
C GLU B 46 10.96 4.85 -4.84
N ASN B 47 11.91 5.71 -5.14
CA ASN B 47 11.64 6.80 -6.09
C ASN B 47 11.23 6.28 -7.46
N LEU B 48 11.72 5.09 -7.81
CA LEU B 48 11.46 4.46 -9.10
C LEU B 48 10.01 4.43 -9.57
N ILE B 49 9.13 3.97 -8.68
CA ILE B 49 7.73 3.85 -9.03
C ILE B 49 6.82 5.05 -8.75
N GLN B 50 7.40 6.21 -8.43
CA GLN B 50 6.57 7.38 -8.16
C GLN B 50 5.84 7.83 -9.42
N PRO B 51 4.64 8.40 -9.25
CA PRO B 51 3.83 8.85 -10.38
C PRO B 51 4.29 10.15 -11.05
N THR B 52 5.12 10.92 -10.35
CA THR B 52 5.62 12.17 -10.89
C THR B 52 6.72 11.93 -11.90
N ALA B 53 6.98 12.92 -12.74
CA ALA B 53 8.06 12.82 -13.71
C ALA B 53 9.31 13.20 -12.93
N PRO B 54 10.47 12.62 -13.28
CA PRO B 54 11.67 12.98 -12.52
C PRO B 54 11.89 14.50 -12.40
N ILE B 55 12.38 14.92 -11.24
CA ILE B 55 12.64 16.32 -10.96
C ILE B 55 14.12 16.47 -10.59
N ARG B 56 14.75 17.54 -11.04
CA ARG B 56 16.16 17.78 -10.78
C ARG B 56 16.41 18.40 -9.41
N ASP B 57 17.58 19.02 -9.26
CA ASP B 57 17.98 19.64 -8.00
C ASP B 57 18.55 21.05 -8.24
N TRP B 67 21.22 15.41 -4.00
CA TRP B 67 20.02 14.58 -4.08
C TRP B 67 19.65 14.27 -5.53
N TYR B 68 19.08 13.09 -5.74
CA TYR B 68 18.66 12.70 -7.07
C TYR B 68 17.29 12.04 -7.05
N ASP B 69 16.39 12.53 -7.88
CA ASP B 69 15.05 11.98 -7.97
C ASP B 69 15.15 10.67 -8.74
N GLY B 70 15.59 9.61 -8.05
CA GLY B 70 15.73 8.32 -8.70
C GLY B 70 16.36 7.31 -7.79
N TRP B 71 16.83 6.21 -8.36
CA TRP B 71 17.49 5.15 -7.59
C TRP B 71 18.97 5.13 -7.96
N GLU B 72 19.84 5.08 -6.96
CA GLU B 72 21.26 5.07 -7.24
C GLU B 72 22.07 4.28 -6.22
N THR B 73 22.85 3.32 -6.72
CA THR B 73 23.67 2.48 -5.85
C THR B 73 25.10 3.00 -5.81
N ARG B 74 25.88 2.52 -4.85
CA ARG B 74 27.27 2.96 -4.71
C ARG B 74 28.11 2.50 -5.90
N ARG B 75 29.32 3.06 -6.01
CA ARG B 75 30.21 2.70 -7.11
C ARG B 75 30.95 1.39 -6.87
N HIS B 76 31.37 0.76 -7.97
CA HIS B 76 32.12 -0.49 -7.96
C HIS B 76 31.44 -1.68 -7.28
N ASN B 77 30.36 -2.17 -7.87
CA ASN B 77 29.64 -3.29 -7.31
C ASN B 77 30.46 -4.57 -7.49
N GLU B 78 30.61 -5.36 -6.43
CA GLU B 78 31.37 -6.60 -6.51
C GLU B 78 30.60 -7.69 -7.24
N MET B 79 29.28 -7.69 -7.09
CA MET B 79 28.46 -8.68 -7.76
C MET B 79 28.33 -8.22 -9.21
N GLU B 80 27.66 -9.03 -10.02
CA GLU B 80 27.48 -8.72 -11.44
C GLU B 80 26.49 -7.61 -11.73
N TYR B 81 25.58 -7.34 -10.79
CA TYR B 81 24.56 -6.33 -11.03
C TYR B 81 23.84 -5.97 -9.74
N ASP B 82 23.21 -4.79 -9.74
CA ASP B 82 22.43 -4.35 -8.59
C ASP B 82 20.99 -4.68 -8.92
N TRP B 83 20.15 -4.79 -7.90
CA TRP B 83 18.76 -5.13 -8.13
C TRP B 83 17.77 -4.55 -7.12
N VAL B 84 16.52 -4.50 -7.55
CA VAL B 84 15.43 -4.03 -6.71
C VAL B 84 14.29 -5.00 -6.98
N ILE B 85 13.55 -5.35 -5.95
CA ILE B 85 12.43 -6.27 -6.07
C ILE B 85 11.18 -5.47 -5.79
N ILE B 86 10.24 -5.49 -6.73
CA ILE B 86 8.99 -4.75 -6.59
C ILE B 86 7.75 -5.67 -6.68
N LYS B 87 6.81 -5.49 -5.76
CA LYS B 87 5.60 -6.28 -5.77
C LYS B 87 4.51 -5.49 -6.47
N MET B 88 3.76 -6.15 -7.35
CA MET B 88 2.67 -5.52 -8.07
C MET B 88 1.55 -5.10 -7.12
N GLY B 89 0.90 -3.97 -7.43
CA GLY B 89 -0.20 -3.51 -6.59
C GLY B 89 -1.36 -4.45 -6.92
N VAL B 90 -1.53 -4.66 -8.22
CA VAL B 90 -2.53 -5.52 -8.80
C VAL B 90 -2.39 -6.97 -8.31
N ALA B 91 -3.44 -7.77 -8.47
CA ALA B 91 -3.43 -9.17 -8.05
C ALA B 91 -2.47 -10.07 -8.86
N ALA B 92 -2.36 -9.79 -10.15
CA ALA B 92 -1.47 -10.53 -11.04
C ALA B 92 -1.58 -9.90 -12.42
N ALA B 93 -0.57 -10.12 -13.24
CA ALA B 93 -0.63 -9.53 -14.57
C ALA B 93 0.31 -10.20 -15.58
N HIS B 94 0.02 -9.98 -16.87
CA HIS B 94 0.82 -10.50 -17.98
C HIS B 94 1.57 -9.27 -18.48
N ILE B 95 2.85 -9.42 -18.76
CA ILE B 95 3.65 -8.26 -19.18
C ILE B 95 3.85 -8.06 -20.68
N ILE B 96 3.88 -6.81 -21.12
CA ILE B 96 4.10 -6.46 -22.53
C ILE B 96 5.36 -5.62 -22.72
N GLY B 97 5.63 -4.74 -21.75
CA GLY B 97 6.80 -3.88 -21.86
C GLY B 97 6.79 -2.84 -20.77
N GLY B 98 7.50 -1.74 -20.97
CA GLY B 98 7.55 -0.69 -19.97
C GLY B 98 8.45 0.49 -20.30
N GLU B 99 8.78 1.29 -19.29
CA GLU B 99 9.67 2.44 -19.48
C GLU B 99 10.78 2.39 -18.45
N ILE B 100 11.96 2.84 -18.87
CA ILE B 100 13.14 2.91 -18.01
C ILE B 100 13.68 4.29 -18.28
N ASP B 101 13.36 5.23 -17.39
CA ASP B 101 13.81 6.61 -17.55
C ASP B 101 15.05 6.85 -16.70
N THR B 102 16.13 7.25 -17.37
CA THR B 102 17.42 7.50 -16.73
C THR B 102 17.66 8.98 -16.49
N ALA B 103 16.58 9.76 -16.55
CA ALA B 103 16.62 11.22 -16.38
C ALA B 103 17.59 11.79 -15.33
N PHE B 104 18.36 12.78 -15.78
CA PHE B 104 19.35 13.47 -14.96
C PHE B 104 20.54 12.64 -14.52
N PHE B 105 20.64 11.40 -15.01
CA PHE B 105 21.80 10.58 -14.69
C PHE B 105 22.63 10.53 -15.97
N ASN B 106 23.63 11.40 -16.09
CA ASN B 106 24.44 11.45 -17.30
C ASN B 106 25.82 10.80 -17.15
N GLY B 107 25.94 9.60 -17.70
CA GLY B 107 27.19 8.88 -17.63
C GLY B 107 27.19 7.82 -16.53
N ASN B 108 26.71 8.18 -15.35
CA ASN B 108 26.65 7.25 -14.24
C ASN B 108 25.27 6.60 -14.26
N HIS B 109 24.68 6.60 -15.44
CA HIS B 109 23.37 5.99 -15.66
C HIS B 109 23.57 4.48 -15.73
N ALA B 110 22.47 3.74 -15.70
CA ALA B 110 22.57 2.29 -15.78
C ALA B 110 23.07 1.88 -17.15
N PRO B 111 24.21 1.18 -17.22
CA PRO B 111 24.75 0.74 -18.51
C PRO B 111 23.79 -0.28 -19.12
N PHE B 112 23.42 -1.29 -18.33
CA PHE B 112 22.51 -2.29 -18.82
C PHE B 112 21.43 -2.62 -17.81
N VAL B 113 20.31 -3.14 -18.33
CA VAL B 113 19.18 -3.51 -17.49
C VAL B 113 18.55 -4.78 -18.06
N SER B 114 17.95 -5.58 -17.19
CA SER B 114 17.26 -6.81 -17.60
C SER B 114 16.13 -6.99 -16.59
N ILE B 115 15.03 -7.60 -17.00
CA ILE B 115 13.91 -7.77 -16.08
C ILE B 115 13.48 -9.23 -15.89
N GLU B 116 13.14 -9.59 -14.65
CA GLU B 116 12.69 -10.93 -14.33
C GLU B 116 11.37 -10.87 -13.57
N ALA B 117 10.49 -11.84 -13.84
CA ALA B 117 9.20 -11.88 -13.18
C ALA B 117 9.07 -13.17 -12.36
N LEU B 118 8.06 -13.22 -11.50
CA LEU B 118 7.86 -14.36 -10.63
C LEU B 118 6.43 -14.37 -10.12
N TYR B 119 5.89 -15.57 -9.89
CA TYR B 119 4.52 -15.66 -9.41
C TYR B 119 4.42 -16.30 -8.04
N ASP B 120 4.10 -15.49 -7.03
CA ASP B 120 3.96 -16.05 -5.69
C ASP B 120 2.53 -15.91 -5.21
N GLU B 121 1.95 -17.05 -4.86
CA GLU B 121 0.58 -17.18 -4.38
C GLU B 121 0.19 -16.14 -3.32
N GLY B 122 0.54 -16.40 -2.07
CA GLY B 122 0.20 -15.48 -1.00
C GLY B 122 1.37 -14.80 -0.31
N GLU B 123 1.09 -13.67 0.32
CA GLU B 123 2.10 -12.90 1.04
C GLU B 123 2.75 -13.73 2.15
N GLU B 124 3.54 -14.73 1.74
CA GLU B 124 4.23 -15.62 2.66
C GLU B 124 5.33 -14.86 3.38
N GLY B 125 5.87 -13.86 2.69
CA GLY B 125 6.91 -13.03 3.23
C GLY B 125 7.42 -12.19 2.08
N ASN B 126 8.54 -11.50 2.29
CA ASN B 126 9.08 -10.69 1.22
C ASN B 126 9.97 -11.59 0.35
N ILE B 127 9.68 -11.64 -0.94
CA ILE B 127 10.43 -12.48 -1.86
C ILE B 127 11.91 -12.13 -1.82
N VAL B 128 12.78 -13.11 -2.09
CA VAL B 128 14.22 -12.85 -2.10
C VAL B 128 14.80 -12.97 -3.52
N GLU B 129 15.90 -12.28 -3.75
CA GLU B 129 16.57 -12.29 -5.06
C GLU B 129 16.88 -13.72 -5.48
N ASP B 130 17.26 -14.50 -4.47
CA ASP B 130 17.62 -15.89 -4.60
C ASP B 130 16.52 -16.81 -5.18
N ASP B 131 15.30 -16.66 -4.69
CA ASP B 131 14.16 -17.47 -5.11
C ASP B 131 14.27 -18.04 -6.50
N SER B 132 14.15 -19.36 -6.60
CA SER B 132 14.28 -20.04 -7.89
C SER B 132 13.11 -19.92 -8.84
N ARG B 133 12.15 -19.06 -8.50
CA ARG B 133 10.99 -18.87 -9.36
C ARG B 133 11.16 -17.69 -10.33
N TRP B 134 12.21 -16.90 -10.12
CA TRP B 134 12.51 -15.74 -10.97
C TRP B 134 12.81 -16.18 -12.40
N VAL B 135 12.06 -15.62 -13.35
CA VAL B 135 12.24 -15.94 -14.76
C VAL B 135 12.48 -14.67 -15.55
N GLU B 136 13.26 -14.75 -16.62
CA GLU B 136 13.54 -13.58 -17.43
C GLU B 136 12.34 -13.23 -18.32
N ILE B 137 11.88 -12.00 -18.21
CA ILE B 137 10.74 -11.49 -18.95
C ILE B 137 11.23 -10.52 -20.03
N VAL B 138 12.35 -9.86 -19.76
CA VAL B 138 12.90 -8.92 -20.70
C VAL B 138 14.40 -9.13 -20.77
N GLU B 139 14.88 -9.45 -21.96
CA GLU B 139 16.29 -9.68 -22.22
C GLU B 139 17.11 -8.41 -21.94
N LYS B 140 18.32 -8.59 -21.43
CA LYS B 140 19.23 -7.50 -21.10
C LYS B 140 19.53 -6.56 -22.26
N PHE B 141 19.08 -5.31 -22.17
CA PHE B 141 19.31 -4.31 -23.21
C PHE B 141 20.12 -3.14 -22.66
N GLU B 142 20.57 -2.24 -23.55
CA GLU B 142 21.39 -1.11 -23.13
C GLU B 142 20.70 0.25 -22.97
N CYS B 143 21.07 0.95 -21.89
CA CYS B 143 20.51 2.26 -21.59
C CYS B 143 21.46 3.37 -21.93
N GLY B 144 20.91 4.55 -22.19
CA GLY B 144 21.71 5.71 -22.53
C GLY B 144 21.57 6.79 -21.48
N PRO B 145 22.35 7.87 -21.58
CA PRO B 145 22.32 8.99 -20.65
C PRO B 145 21.10 9.90 -20.73
N SER B 146 20.58 10.25 -19.55
CA SER B 146 19.43 11.13 -19.38
C SER B 146 18.36 11.08 -20.46
N GLN B 147 17.63 9.98 -20.53
CA GLN B 147 16.58 9.87 -21.53
C GLN B 147 15.59 8.78 -21.16
N ARG B 148 14.56 8.63 -21.99
CA ARG B 148 13.54 7.63 -21.75
C ARG B 148 13.69 6.47 -22.72
N HIS B 149 13.38 5.28 -22.24
CA HIS B 149 13.49 4.09 -23.05
C HIS B 149 12.14 3.38 -23.02
N LEU B 150 11.36 3.53 -24.10
CA LEU B 150 10.05 2.89 -24.21
C LEU B 150 10.25 1.59 -24.99
N PHE B 151 9.99 0.46 -24.33
CA PHE B 151 10.19 -0.82 -24.98
C PHE B 151 9.01 -1.77 -24.88
N VAL B 152 8.92 -2.67 -25.84
CA VAL B 152 7.86 -3.66 -25.87
C VAL B 152 8.47 -5.01 -26.24
N ARG B 153 7.97 -6.07 -25.63
CA ARG B 153 8.47 -7.40 -25.89
C ARG B 153 8.09 -7.85 -27.29
N GLY B 154 9.06 -8.42 -28.01
CA GLY B 154 8.78 -8.88 -29.35
C GLY B 154 7.64 -9.88 -29.38
N ASN B 155 7.64 -10.79 -28.41
CA ASN B 155 6.61 -11.82 -28.32
C ASN B 155 5.34 -11.37 -27.61
N GLY B 156 5.09 -10.06 -27.57
CA GLY B 156 3.89 -9.56 -26.91
C GLY B 156 3.72 -10.06 -25.47
N LEU B 157 2.49 -10.08 -24.98
CA LEU B 157 2.20 -10.53 -23.62
C LEU B 157 2.85 -11.85 -23.26
N THR B 158 3.28 -11.97 -22.01
CA THR B 158 3.89 -13.21 -21.53
C THR B 158 2.78 -14.21 -21.29
N LYS B 159 2.96 -15.45 -21.75
CA LYS B 159 1.91 -16.46 -21.57
C LYS B 159 1.57 -16.64 -20.09
N GLU B 160 2.56 -16.49 -19.23
CA GLU B 160 2.35 -16.64 -17.79
C GLU B 160 1.97 -15.32 -17.15
N ARG B 161 1.54 -15.40 -15.90
CA ARG B 161 1.15 -14.21 -15.14
C ARG B 161 2.02 -14.12 -13.89
N PHE B 162 2.41 -12.91 -13.51
CA PHE B 162 3.27 -12.73 -12.34
C PHE B 162 2.73 -11.77 -11.27
N THR B 163 3.37 -11.77 -10.12
CA THR B 163 2.97 -10.93 -9.00
C THR B 163 4.08 -9.98 -8.53
N HIS B 164 5.32 -10.35 -8.80
CA HIS B 164 6.47 -9.54 -8.41
C HIS B 164 7.42 -9.41 -9.59
N ILE B 165 8.15 -8.30 -9.67
CA ILE B 165 9.11 -8.19 -10.74
C ILE B 165 10.44 -7.73 -10.15
N LYS B 166 11.51 -8.08 -10.85
CA LYS B 166 12.85 -7.73 -10.40
C LYS B 166 13.59 -6.98 -11.47
N LEU B 167 14.15 -5.83 -11.10
CA LEU B 167 14.92 -5.03 -12.04
C LEU B 167 16.40 -5.24 -11.73
N LYS B 168 17.19 -5.44 -12.77
CA LYS B 168 18.62 -5.63 -12.60
C LYS B 168 19.39 -4.56 -13.38
N MET B 169 20.26 -3.84 -12.67
CA MET B 169 21.07 -2.78 -13.26
C MET B 169 22.52 -3.32 -13.30
N TYR B 170 23.11 -3.41 -14.50
CA TYR B 170 24.47 -3.94 -14.63
C TYR B 170 25.52 -2.84 -14.86
N PRO B 171 26.47 -2.67 -13.91
CA PRO B 171 26.65 -3.39 -12.65
C PRO B 171 26.18 -2.51 -11.50
N ASP B 172 26.00 -1.23 -11.80
CA ASP B 172 25.58 -0.25 -10.82
C ASP B 172 25.43 1.10 -11.52
N GLY B 173 24.72 2.02 -10.87
CA GLY B 173 24.49 3.32 -11.46
C GLY B 173 23.19 3.88 -10.98
N GLY B 174 22.48 4.59 -11.87
CA GLY B 174 21.21 5.18 -11.51
C GLY B 174 20.10 5.17 -12.57
N ILE B 175 18.87 4.96 -12.09
CA ILE B 175 17.70 4.96 -12.94
C ILE B 175 16.69 5.89 -12.24
N ALA B 176 16.12 6.81 -13.01
CA ALA B 176 15.16 7.76 -12.45
C ALA B 176 13.79 7.14 -12.23
N ARG B 177 13.28 6.45 -13.25
CA ARG B 177 11.96 5.83 -13.18
C ARG B 177 11.93 4.45 -13.84
N PHE B 178 11.02 3.61 -13.38
CA PHE B 178 10.84 2.27 -13.92
C PHE B 178 9.34 1.99 -14.04
N ARG B 179 8.81 2.03 -15.26
CA ARG B 179 7.40 1.72 -15.48
C ARG B 179 7.31 0.34 -16.12
N LEU B 180 6.43 -0.52 -15.63
CA LEU B 180 6.28 -1.84 -16.24
C LEU B 180 4.82 -2.02 -16.59
N TYR B 181 4.55 -2.14 -17.87
CA TYR B 181 3.19 -2.29 -18.35
C TYR B 181 2.72 -3.75 -18.43
N GLY B 182 1.49 -3.97 -18.02
CA GLY B 182 0.94 -5.33 -18.04
C GLY B 182 -0.58 -5.36 -18.02
N ARG B 183 -1.15 -6.46 -18.49
CA ARG B 183 -2.60 -6.64 -18.53
C ARG B 183 -2.99 -7.32 -17.22
N VAL B 184 -3.81 -6.62 -16.44
CA VAL B 184 -4.25 -7.12 -15.15
C VAL B 184 -5.14 -8.33 -15.23
N VAL B 185 -4.95 -9.25 -14.30
CA VAL B 185 -5.74 -10.46 -14.23
C VAL B 185 -6.86 -10.32 -13.21
N PRO B 186 -8.12 -10.29 -13.67
CA PRO B 186 -9.27 -10.16 -12.76
C PRO B 186 -9.17 -11.22 -11.66
N PRO B 187 -9.23 -10.79 -10.39
CA PRO B 187 -9.15 -11.70 -9.23
C PRO B 187 -9.80 -13.08 -9.43
N ILE B 195 -21.70 -8.81 -7.51
CA ILE B 195 -21.43 -7.47 -8.02
C ILE B 195 -19.98 -7.07 -7.87
N ILE B 196 -19.45 -6.38 -8.87
CA ILE B 196 -18.07 -5.90 -8.82
C ILE B 196 -17.96 -4.58 -9.57
N ASP B 197 -17.01 -3.74 -9.16
CA ASP B 197 -16.79 -2.47 -9.84
C ASP B 197 -16.19 -2.90 -11.16
N LEU B 198 -16.97 -2.79 -12.22
CA LEU B 198 -16.51 -3.19 -13.53
C LEU B 198 -15.47 -2.27 -14.18
N ALA B 199 -15.33 -1.05 -13.66
CA ALA B 199 -14.39 -0.09 -14.21
C ALA B 199 -13.14 -0.02 -13.37
N TYR B 200 -13.19 -0.66 -12.20
CA TYR B 200 -12.08 -0.68 -11.25
C TYR B 200 -10.80 -1.30 -11.85
N VAL B 201 -9.70 -0.55 -11.82
CA VAL B 201 -8.42 -1.01 -12.37
C VAL B 201 -7.99 -2.43 -11.96
N CYS B 202 -8.31 -2.82 -10.72
CA CYS B 202 -7.94 -4.14 -10.24
C CYS B 202 -8.71 -5.27 -10.92
N ASN B 203 -9.85 -4.95 -11.54
CA ASN B 203 -10.64 -5.97 -12.22
C ASN B 203 -10.29 -6.06 -13.71
N GLY B 204 -9.30 -5.28 -14.13
CA GLY B 204 -8.88 -5.31 -15.53
C GLY B 204 -9.30 -4.14 -16.43
N ALA B 205 -10.04 -3.16 -15.90
CA ALA B 205 -10.45 -2.02 -16.72
C ALA B 205 -9.26 -1.10 -16.99
N VAL B 206 -9.31 -0.42 -18.12
CA VAL B 206 -8.25 0.48 -18.50
C VAL B 206 -8.86 1.60 -19.32
N ALA B 207 -8.23 2.77 -19.30
CA ALA B 207 -8.74 3.92 -20.06
C ALA B 207 -8.04 3.92 -21.41
N LEU B 208 -8.83 3.96 -22.48
CA LEU B 208 -8.28 3.94 -23.83
C LEU B 208 -8.13 5.31 -24.47
N LYS B 209 -9.20 6.10 -24.44
CA LYS B 209 -9.15 7.43 -25.03
C LYS B 209 -9.63 8.50 -24.08
N TYR B 210 -9.22 9.73 -24.38
CA TYR B 210 -9.59 10.90 -23.60
C TYR B 210 -9.49 12.06 -24.56
N SER B 211 -10.35 13.05 -24.39
CA SER B 211 -10.33 14.22 -25.25
C SER B 211 -9.16 15.12 -24.83
N ASP B 212 -8.90 15.18 -23.53
CA ASP B 212 -7.82 16.00 -23.00
C ASP B 212 -7.32 15.61 -21.61
N GLN B 213 -6.04 15.86 -21.39
CA GLN B 213 -5.38 15.60 -20.13
C GLN B 213 -4.47 16.78 -19.82
N HIS B 214 -4.98 17.77 -19.10
CA HIS B 214 -4.14 18.91 -18.78
C HIS B 214 -3.34 18.61 -17.54
N PHE B 215 -4.04 18.14 -16.50
CA PHE B 215 -3.44 17.76 -15.23
C PHE B 215 -3.97 16.38 -14.84
N GLY B 216 -3.09 15.51 -14.37
CA GLY B 216 -3.49 14.17 -13.98
C GLY B 216 -4.16 13.39 -15.10
N SER B 217 -3.67 12.18 -15.35
CA SER B 217 -4.19 11.31 -16.40
C SER B 217 -5.61 10.74 -16.16
N VAL B 218 -6.20 10.16 -17.21
CA VAL B 218 -7.54 9.59 -17.09
C VAL B 218 -7.53 8.26 -16.37
N ASP B 219 -6.36 7.62 -16.31
CA ASP B 219 -6.29 6.32 -15.65
C ASP B 219 -6.37 6.43 -14.14
N ASN B 220 -6.46 7.66 -13.65
CA ASN B 220 -6.59 7.93 -12.21
C ASN B 220 -8.05 7.68 -11.81
N LEU B 221 -8.93 7.79 -12.81
CA LEU B 221 -10.36 7.61 -12.64
C LEU B 221 -10.71 6.25 -12.09
N LEU B 222 -9.94 5.26 -12.52
CA LEU B 222 -10.17 3.87 -12.15
C LEU B 222 -9.29 3.33 -11.02
N LEU B 223 -8.91 4.15 -10.06
CA LEU B 223 -8.04 3.68 -8.97
C LEU B 223 -8.70 3.54 -7.60
N PRO B 224 -8.00 2.89 -6.66
CA PRO B 224 -8.44 2.65 -5.28
C PRO B 224 -8.54 3.96 -4.48
N GLY B 225 -9.45 3.98 -3.51
CA GLY B 225 -9.63 5.15 -2.67
C GLY B 225 -10.13 6.38 -3.39
N ARG B 226 -10.12 7.50 -2.69
CA ARG B 226 -10.57 8.76 -3.26
C ARG B 226 -9.37 9.68 -3.49
N GLY B 227 -8.19 9.17 -3.15
CA GLY B 227 -6.96 9.94 -3.35
C GLY B 227 -6.60 10.91 -2.25
N HIS B 228 -5.56 11.70 -2.51
CA HIS B 228 -5.07 12.66 -1.55
C HIS B 228 -5.47 14.11 -1.90
N ASP B 229 -5.23 14.50 -3.15
CA ASP B 229 -5.55 15.83 -3.61
C ASP B 229 -5.91 15.80 -5.10
N MET B 230 -6.07 16.98 -5.70
CA MET B 230 -6.44 17.09 -7.10
C MET B 230 -5.48 16.41 -8.07
N SER B 231 -4.26 16.12 -7.61
CA SER B 231 -3.27 15.50 -8.50
C SER B 231 -3.51 14.04 -8.91
N ASP B 232 -4.23 13.28 -8.11
CA ASP B 232 -4.49 11.89 -8.47
C ASP B 232 -5.84 11.70 -9.15
N GLY B 233 -6.23 12.68 -9.95
CA GLY B 233 -7.49 12.58 -10.66
C GLY B 233 -7.29 12.93 -12.12
N TRP B 234 -8.37 13.32 -12.77
CA TRP B 234 -8.32 13.71 -14.17
C TRP B 234 -8.83 15.15 -14.26
N GLU B 235 -8.05 16.00 -14.88
CA GLU B 235 -8.40 17.41 -14.98
C GLU B 235 -8.15 17.91 -16.40
N THR B 236 -9.11 18.62 -16.95
CA THR B 236 -8.96 19.17 -18.30
C THR B 236 -8.82 20.68 -18.24
N LYS B 237 -8.22 21.23 -19.29
CA LYS B 237 -8.00 22.67 -19.42
C LYS B 237 -9.33 23.40 -19.34
N ARG B 238 -9.30 24.70 -19.09
CA ARG B 238 -10.53 25.48 -19.04
C ARG B 238 -10.86 25.80 -20.51
N SER B 239 -12.09 25.53 -20.91
CA SER B 239 -12.52 25.77 -22.29
C SER B 239 -13.35 27.03 -22.40
N ARG B 240 -13.51 27.53 -23.64
CA ARG B 240 -14.28 28.76 -23.85
C ARG B 240 -15.44 28.67 -24.86
N GLN B 241 -15.31 27.86 -25.91
CA GLN B 241 -16.39 27.75 -26.90
C GLN B 241 -17.61 27.05 -26.30
N PRO B 242 -18.82 27.49 -26.66
CA PRO B 242 -20.03 26.87 -26.12
C PRO B 242 -20.14 25.40 -26.51
N GLY B 243 -20.93 24.65 -25.76
CA GLY B 243 -21.11 23.25 -26.06
C GLY B 243 -19.87 22.37 -26.04
N HIS B 244 -18.72 22.93 -25.64
CA HIS B 244 -17.50 22.16 -25.56
C HIS B 244 -17.67 21.12 -24.45
N THR B 245 -17.03 19.97 -24.60
CA THR B 245 -17.10 18.95 -23.57
C THR B 245 -15.82 18.14 -23.62
N ASP B 246 -15.52 17.45 -22.52
CA ASP B 246 -14.36 16.60 -22.43
C ASP B 246 -14.85 15.20 -22.08
N TRP B 247 -14.12 14.19 -22.52
CA TRP B 247 -14.54 12.83 -22.23
C TRP B 247 -13.41 11.83 -22.03
N ALA B 248 -13.80 10.69 -21.48
CA ALA B 248 -12.86 9.61 -21.23
C ALA B 248 -13.55 8.29 -21.58
N VAL B 249 -12.92 7.52 -22.46
CA VAL B 249 -13.45 6.24 -22.87
C VAL B 249 -12.78 5.15 -22.07
N ILE B 250 -13.58 4.44 -21.28
CA ILE B 250 -13.06 3.38 -20.43
C ILE B 250 -13.56 2.00 -20.81
N GLN B 251 -12.63 1.05 -20.87
CA GLN B 251 -12.98 -0.33 -21.19
C GLN B 251 -13.13 -1.13 -19.90
N LEU B 252 -14.33 -1.64 -19.68
CA LEU B 252 -14.63 -2.42 -18.49
C LEU B 252 -13.78 -3.70 -18.50
N GLY B 253 -13.42 -4.19 -17.32
CA GLY B 253 -12.63 -5.41 -17.27
C GLY B 253 -13.40 -6.61 -17.82
N ARG B 254 -14.73 -6.46 -17.92
CA ARG B 254 -15.63 -7.49 -18.41
C ARG B 254 -16.85 -6.80 -18.98
N GLU B 255 -17.56 -7.45 -19.90
CA GLU B 255 -18.77 -6.86 -20.45
C GLU B 255 -19.80 -6.92 -19.35
N SER B 256 -20.76 -6.02 -19.35
CA SER B 256 -21.80 -6.06 -18.31
C SER B 256 -23.03 -6.78 -18.83
N SER B 257 -23.88 -7.19 -17.90
CA SER B 257 -25.12 -7.86 -18.23
C SER B 257 -26.18 -7.03 -17.50
N PHE B 258 -25.78 -6.54 -16.34
CA PHE B 258 -26.64 -5.71 -15.50
C PHE B 258 -25.77 -4.65 -14.84
N ILE B 259 -26.32 -3.46 -14.64
CA ILE B 259 -25.59 -2.37 -13.99
C ILE B 259 -26.50 -1.73 -12.94
N GLU B 260 -26.07 -1.74 -11.68
CA GLU B 260 -26.88 -1.17 -10.62
C GLU B 260 -26.47 0.24 -10.25
N LYS B 261 -25.16 0.41 -10.02
CA LYS B 261 -24.65 1.72 -9.62
C LYS B 261 -23.50 2.21 -10.48
N ILE B 262 -23.54 3.51 -10.73
CA ILE B 262 -22.49 4.20 -11.43
C ILE B 262 -22.22 5.32 -10.46
N ILE B 263 -20.95 5.60 -10.21
CA ILE B 263 -20.60 6.65 -9.27
C ILE B 263 -19.51 7.52 -9.85
N VAL B 264 -19.77 8.82 -9.88
CA VAL B 264 -18.80 9.78 -10.36
C VAL B 264 -18.35 10.56 -9.14
N ASP B 265 -17.10 10.42 -8.78
CA ASP B 265 -16.55 11.09 -7.59
C ASP B 265 -15.64 12.31 -7.91
N THR B 266 -16.06 13.49 -7.47
CA THR B 266 -15.26 14.72 -7.69
C THR B 266 -14.48 15.17 -6.44
N ALA B 267 -14.20 14.23 -5.54
CA ALA B 267 -13.45 14.53 -4.32
C ALA B 267 -12.27 15.43 -4.64
N HIS B 268 -12.05 16.42 -3.79
CA HIS B 268 -10.93 17.35 -3.94
C HIS B 268 -11.08 18.42 -5.02
N PHE B 269 -12.00 18.25 -5.95
CA PHE B 269 -12.20 19.29 -6.97
C PHE B 269 -13.30 20.21 -6.48
N ARG B 270 -12.89 21.34 -5.90
CA ARG B 270 -13.78 22.32 -5.30
C ARG B 270 -14.14 23.58 -6.10
N GLY B 271 -13.23 24.02 -6.97
CA GLY B 271 -13.48 25.20 -7.77
C GLY B 271 -13.43 24.92 -9.27
N ASN B 272 -13.05 23.69 -9.62
CA ASN B 272 -12.97 23.31 -11.02
C ASN B 272 -13.67 21.99 -11.30
N PHE B 273 -14.65 21.65 -10.46
CA PHE B 273 -15.39 20.41 -10.68
C PHE B 273 -16.24 20.64 -11.93
N PRO B 274 -16.60 19.58 -12.65
CA PRO B 274 -17.41 19.77 -13.86
C PRO B 274 -18.78 20.35 -13.53
N GLN B 275 -19.42 20.97 -14.51
CA GLN B 275 -20.74 21.53 -14.28
C GLN B 275 -21.78 20.43 -14.40
N PHE B 276 -21.76 19.71 -15.52
CA PHE B 276 -22.68 18.61 -15.73
C PHE B 276 -21.88 17.43 -16.26
N ILE B 277 -22.36 16.22 -15.97
CA ILE B 277 -21.72 15.02 -16.48
C ILE B 277 -22.77 14.05 -17.02
N THR B 278 -22.35 13.23 -17.99
CA THR B 278 -23.23 12.22 -18.58
C THR B 278 -22.39 10.96 -18.72
N VAL B 279 -23.06 9.80 -18.81
CA VAL B 279 -22.35 8.54 -18.97
C VAL B 279 -23.03 7.70 -20.03
N GLU B 280 -22.32 7.39 -21.10
CA GLU B 280 -22.88 6.60 -22.18
C GLU B 280 -22.21 5.22 -22.23
N GLY B 281 -22.95 4.21 -22.67
CA GLY B 281 -22.40 2.88 -22.74
C GLY B 281 -22.35 2.38 -24.16
N CYS B 282 -21.43 1.44 -24.42
CA CYS B 282 -21.27 0.89 -25.76
C CYS B 282 -20.82 -0.56 -25.68
N LEU B 283 -20.96 -1.28 -26.80
CA LEU B 283 -20.54 -2.68 -26.88
C LEU B 283 -19.65 -2.84 -28.10
N LYS B 284 -18.38 -3.16 -27.87
CA LYS B 284 -17.42 -3.35 -28.96
C LYS B 284 -16.57 -4.59 -28.72
N THR B 296 -21.08 3.07 -31.45
CA THR B 296 -22.49 3.12 -31.08
C THR B 296 -22.61 3.28 -29.56
N TRP B 297 -23.28 4.34 -29.12
CA TRP B 297 -23.42 4.61 -27.68
C TRP B 297 -24.84 4.79 -27.14
N VAL B 298 -25.06 4.27 -25.94
CA VAL B 298 -26.34 4.35 -25.27
C VAL B 298 -26.21 5.10 -23.94
N GLU B 299 -27.14 6.01 -23.69
CA GLU B 299 -27.12 6.80 -22.47
C GLU B 299 -27.42 5.94 -21.25
N LEU B 300 -26.52 5.96 -20.28
CA LEU B 300 -26.69 5.22 -19.03
C LEU B 300 -27.02 6.22 -17.93
N VAL B 301 -26.41 7.39 -18.02
CA VAL B 301 -26.68 8.45 -17.05
C VAL B 301 -26.91 9.74 -17.82
N GLY B 302 -28.10 10.31 -17.64
CA GLY B 302 -28.44 11.53 -18.34
C GLY B 302 -27.74 12.73 -17.73
N LYS B 303 -27.63 13.81 -18.50
CA LYS B 303 -26.99 15.03 -18.05
C LYS B 303 -27.41 15.37 -16.64
N SER B 304 -26.44 15.44 -15.74
CA SER B 304 -26.69 15.75 -14.33
C SER B 304 -25.71 16.81 -13.85
N LYS B 305 -26.20 17.75 -13.05
CA LYS B 305 -25.37 18.82 -12.52
C LYS B 305 -24.52 18.25 -11.36
N THR B 306 -23.20 18.38 -11.47
CA THR B 306 -22.31 17.86 -10.44
C THR B 306 -21.88 18.90 -9.41
N GLY B 307 -21.45 18.42 -8.24
CA GLY B 307 -21.01 19.31 -7.17
C GLY B 307 -19.55 19.07 -6.85
N PRO B 308 -18.99 19.83 -5.90
CA PRO B 308 -17.58 19.68 -5.51
C PRO B 308 -17.27 18.73 -4.35
N ASP B 309 -16.15 18.02 -4.45
CA ASP B 309 -15.70 17.12 -3.38
C ASP B 309 -16.85 16.24 -2.88
N LYS B 310 -17.60 15.67 -3.81
CA LYS B 310 -18.75 14.83 -3.49
C LYS B 310 -18.80 13.57 -4.37
N GLU B 311 -19.44 12.52 -3.84
CA GLU B 311 -19.61 11.28 -4.57
C GLU B 311 -21.01 11.31 -5.19
N HIS B 312 -21.10 11.10 -6.51
CA HIS B 312 -22.40 11.13 -7.18
C HIS B 312 -22.83 9.72 -7.53
N VAL B 313 -23.84 9.22 -6.82
CA VAL B 313 -24.36 7.88 -7.02
C VAL B 313 -25.60 7.83 -7.91
N TYR B 314 -25.48 7.16 -9.06
CA TYR B 314 -26.60 7.04 -9.99
C TYR B 314 -27.07 5.59 -10.12
N GLU B 315 -28.29 5.33 -9.67
CA GLU B 315 -28.88 4.00 -9.74
C GLU B 315 -29.37 3.72 -11.17
N ILE B 316 -29.07 2.53 -11.67
CA ILE B 316 -29.46 2.15 -13.02
C ILE B 316 -30.50 1.04 -13.01
N ARG B 317 -30.29 0.05 -12.15
CA ARG B 317 -31.20 -1.08 -12.01
C ARG B 317 -31.63 -1.66 -13.36
N LYS B 318 -30.84 -1.40 -14.41
CA LYS B 318 -31.15 -1.90 -15.74
C LYS B 318 -30.13 -2.90 -16.23
N SER B 319 -30.47 -3.61 -17.29
CA SER B 319 -29.56 -4.60 -17.85
C SER B 319 -29.15 -4.18 -19.26
N ILE B 320 -27.85 -4.16 -19.50
CA ILE B 320 -27.32 -3.81 -20.82
C ILE B 320 -26.02 -4.58 -21.02
N ARG B 321 -25.73 -4.92 -22.28
CA ARG B 321 -24.49 -5.63 -22.58
C ARG B 321 -23.47 -4.64 -23.11
N VAL B 322 -22.97 -3.79 -22.20
CA VAL B 322 -21.97 -2.80 -22.55
C VAL B 322 -20.59 -3.30 -22.13
N SER B 323 -19.57 -2.91 -22.89
CA SER B 323 -18.20 -3.31 -22.61
C SER B 323 -17.34 -2.07 -22.31
N HIS B 324 -17.56 -1.01 -23.07
CA HIS B 324 -16.83 0.23 -22.89
C HIS B 324 -17.76 1.34 -22.42
N VAL B 325 -17.35 2.05 -21.37
CA VAL B 325 -18.16 3.15 -20.86
C VAL B 325 -17.47 4.46 -21.23
N LYS B 326 -18.24 5.54 -21.27
CA LYS B 326 -17.72 6.86 -21.63
C LYS B 326 -18.29 7.97 -20.75
N LEU B 327 -17.42 8.56 -19.94
CA LEU B 327 -17.78 9.65 -19.02
C LEU B 327 -17.62 10.96 -19.77
N THR B 328 -18.62 11.82 -19.67
CA THR B 328 -18.58 13.12 -20.34
C THR B 328 -18.82 14.23 -19.34
N ILE B 329 -17.81 15.08 -19.18
CA ILE B 329 -17.92 16.22 -18.27
C ILE B 329 -18.13 17.46 -19.12
N ILE B 330 -19.05 18.31 -18.70
CA ILE B 330 -19.29 19.54 -19.45
C ILE B 330 -19.20 20.76 -18.53
N PRO B 331 -18.50 21.81 -18.98
CA PRO B 331 -17.83 21.87 -20.27
C PRO B 331 -16.39 21.34 -20.19
N ASP B 332 -15.94 21.13 -18.97
CA ASP B 332 -14.59 20.65 -18.72
C ASP B 332 -14.43 20.61 -17.22
N GLY B 333 -13.21 20.34 -16.75
CA GLY B 333 -13.01 20.28 -15.33
C GLY B 333 -12.31 19.02 -14.91
N GLY B 334 -12.50 18.62 -13.67
CA GLY B 334 -11.83 17.43 -13.20
C GLY B 334 -12.76 16.50 -12.45
N VAL B 335 -12.42 15.22 -12.47
CA VAL B 335 -13.20 14.20 -11.78
C VAL B 335 -12.19 13.28 -11.16
N LYS B 336 -12.48 12.80 -9.97
CA LYS B 336 -11.55 11.93 -9.30
C LYS B 336 -11.67 10.46 -9.67
N ARG B 337 -12.89 9.94 -9.58
CA ARG B 337 -13.15 8.54 -9.86
C ARG B 337 -14.52 8.28 -10.53
N ILE B 338 -14.60 7.15 -11.21
CA ILE B 338 -15.84 6.69 -11.85
C ILE B 338 -15.95 5.20 -11.50
N ARG B 339 -17.01 4.83 -10.81
CA ARG B 339 -17.21 3.41 -10.46
C ARG B 339 -18.40 2.90 -11.29
N VAL B 340 -18.45 1.60 -11.55
CA VAL B 340 -19.56 1.01 -12.30
C VAL B 340 -19.88 -0.39 -11.80
N TRP B 341 -20.83 -0.51 -10.89
CA TRP B 341 -21.19 -1.82 -10.33
C TRP B 341 -22.21 -2.61 -11.14
N GLY B 342 -21.84 -3.82 -11.54
CA GLY B 342 -22.73 -4.65 -12.32
C GLY B 342 -22.52 -6.14 -12.14
N TYR B 343 -22.86 -6.92 -13.17
CA TYR B 343 -22.71 -8.37 -13.16
C TYR B 343 -22.14 -8.93 -14.48
N HIS B 344 -21.93 -10.24 -14.51
CA HIS B 344 -21.42 -10.97 -15.69
C HIS B 344 -19.91 -10.97 -15.75
#